data_9JQK
#
_entry.id   9JQK
#
_cell.length_a   46.177
_cell.length_b   54.042
_cell.length_c   83.265
_cell.angle_alpha   72.880
_cell.angle_beta   85.961
_cell.angle_gamma   71.779
#
_symmetry.space_group_name_H-M   'P 1'
#
loop_
_entity.id
_entity.type
_entity.pdbx_description
1 polymer 'Transcriptional activator VP30'
2 non-polymer '2-[(~{E})-heptadec-10-enyl]-6-oxidanyl-benzoic acid'
3 non-polymer 'CHLORIDE ION'
4 water water
#
_entity_poly.entity_id   1
_entity_poly.type   'polypeptide(L)'
_entity_poly.pdbx_seq_one_letter_code
;SVEQQLNITAPKDSRLANPTADDFQQEEGPKITLLTLIKTAEHWARQDIRTIEDSKLRALLTLCAVMTRKFSKSQLSLLC
ETHLRREGLGQDQAEPVLEVYQRLHSDKGGSFEAALWQQWDRQSLIMFITAFLNIALQLPCESSAVVVSGLRTLVPQSDN
EE
;
_entity_poly.pdbx_strand_id   D,A,B,C
#
# COMPACT_ATOMS: atom_id res chain seq x y z
N PRO A 30 13.70 13.21 20.02
CA PRO A 30 13.09 12.01 19.46
C PRO A 30 13.30 11.92 17.95
N LYS A 31 13.75 10.75 17.47
CA LYS A 31 14.02 10.54 16.06
C LYS A 31 12.70 10.24 15.35
N ILE A 32 12.49 10.91 14.21
CA ILE A 32 11.25 10.81 13.45
C ILE A 32 11.36 9.64 12.48
N THR A 33 11.31 8.42 13.04
CA THR A 33 11.29 7.21 12.24
C THR A 33 9.91 7.02 11.63
N LEU A 34 9.78 6.04 10.74
CA LEU A 34 8.50 5.68 10.14
C LEU A 34 7.52 5.29 11.23
N LEU A 35 8.01 4.48 12.20
CA LEU A 35 7.18 3.98 13.29
C LEU A 35 6.70 5.13 14.17
N THR A 36 7.62 6.07 14.49
CA THR A 36 7.29 7.22 15.31
C THR A 36 6.23 8.08 14.60
N LEU A 37 6.32 8.13 13.26
CA LEU A 37 5.39 8.91 12.46
C LEU A 37 3.99 8.28 12.57
N ILE A 38 3.93 6.94 12.51
CA ILE A 38 2.68 6.19 12.61
C ILE A 38 2.08 6.41 14.00
N LYS A 39 2.90 6.18 15.04
CA LYS A 39 2.48 6.31 16.43
C LYS A 39 1.89 7.70 16.68
N THR A 40 2.50 8.72 16.06
CA THR A 40 2.05 10.09 16.21
C THR A 40 0.66 10.26 15.58
N ALA A 41 0.48 9.66 14.39
CA ALA A 41 -0.80 9.73 13.70
C ALA A 41 -1.89 9.01 14.49
N GLU A 42 -1.55 7.84 15.06
CA GLU A 42 -2.48 7.08 15.89
C GLU A 42 -3.00 7.95 17.02
N HIS A 43 -2.08 8.65 17.70
CA HIS A 43 -2.43 9.47 18.86
C HIS A 43 -3.37 10.60 18.44
N TRP A 44 -2.99 11.36 17.39
CA TRP A 44 -3.71 12.57 17.02
C TRP A 44 -4.99 12.24 16.25
N ALA A 45 -5.12 10.99 15.77
CA ALA A 45 -6.33 10.56 15.08
C ALA A 45 -7.50 10.49 16.05
N ARG A 46 -7.21 10.27 17.36
CA ARG A 46 -8.25 10.04 18.35
C ARG A 46 -8.38 11.26 19.29
N GLN A 47 -7.78 12.40 18.91
CA GLN A 47 -7.82 13.60 19.72
C GLN A 47 -8.87 14.56 19.19
N ASP A 48 -9.50 15.29 20.13
CA ASP A 48 -10.36 16.42 19.80
C ASP A 48 -9.46 17.64 19.58
N ILE A 49 -9.31 18.03 18.31
CA ILE A 49 -8.35 19.06 17.93
C ILE A 49 -9.09 20.35 17.53
N ARG A 50 -10.33 20.50 18.03
CA ARG A 50 -11.18 21.61 17.63
C ARG A 50 -10.73 22.91 18.31
N THR A 51 -9.90 22.80 19.35
CA THR A 51 -9.50 23.98 20.13
C THR A 51 -8.01 23.90 20.48
N ILE A 52 -7.19 23.30 19.60
CA ILE A 52 -5.75 23.28 19.80
C ILE A 52 -5.15 24.60 19.31
N GLU A 53 -3.87 24.82 19.63
CA GLU A 53 -3.15 25.99 19.15
C GLU A 53 -2.90 25.85 17.65
N ASP A 54 -2.66 26.99 16.98
CA ASP A 54 -2.41 27.03 15.55
C ASP A 54 -1.01 26.45 15.26
N SER A 55 -0.10 26.57 16.23
CA SER A 55 1.24 26.04 16.11
C SER A 55 1.19 24.53 15.92
N LYS A 56 0.35 23.86 16.73
CA LYS A 56 0.21 22.40 16.68
C LYS A 56 -0.64 22.01 15.47
N LEU A 57 -1.62 22.85 15.12
CA LEU A 57 -2.47 22.59 13.98
C LEU A 57 -1.63 22.65 12.69
N ARG A 58 -0.66 23.57 12.66
CA ARG A 58 0.22 23.73 11.51
C ARG A 58 1.12 22.50 11.37
N ALA A 59 1.63 22.01 12.52
CA ALA A 59 2.48 20.83 12.54
C ALA A 59 1.69 19.60 12.08
N LEU A 60 0.43 19.51 12.50
CA LEU A 60 -0.44 18.40 12.11
C LEU A 60 -0.63 18.37 10.60
N LEU A 61 -0.63 19.56 9.97
CA LEU A 61 -0.78 19.65 8.53
C LEU A 61 0.49 19.11 7.86
N THR A 62 1.65 19.41 8.47
CA THR A 62 2.93 18.88 8.02
C THR A 62 2.91 17.35 8.12
N LEU A 63 2.40 16.84 9.27
CA LEU A 63 2.32 15.40 9.50
C LEU A 63 1.50 14.75 8.38
N CYS A 64 0.40 15.40 7.99
CA CYS A 64 -0.47 14.90 6.94
C CYS A 64 0.28 14.86 5.59
N ALA A 65 1.06 15.90 5.33
CA ALA A 65 1.80 16.01 4.08
C ALA A 65 2.85 14.91 3.99
N VAL A 66 3.64 14.76 5.06
CA VAL A 66 4.69 13.76 5.11
C VAL A 66 4.08 12.37 4.93
N MET A 67 2.99 12.10 5.66
CA MET A 67 2.32 10.79 5.63
C MET A 67 1.81 10.51 4.21
N THR A 68 1.24 11.54 3.56
CA THR A 68 0.72 11.40 2.20
C THR A 68 1.82 10.86 1.27
N ARG A 69 3.06 11.34 1.47
CA ARG A 69 4.19 10.99 0.61
C ARG A 69 4.74 9.60 0.94
N LYS A 70 4.16 8.94 1.96
CA LYS A 70 4.55 7.57 2.29
C LYS A 70 3.66 6.57 1.55
N PHE A 71 2.59 7.07 0.89
CA PHE A 71 1.78 6.26 0.01
C PHE A 71 2.31 6.37 -1.41
N SER A 72 2.19 5.28 -2.17
CA SER A 72 2.46 5.31 -3.60
C SER A 72 1.44 6.21 -4.28
N LYS A 73 1.86 6.85 -5.37
CA LYS A 73 1.00 7.80 -6.09
C LYS A 73 -0.25 7.08 -6.62
N SER A 74 -0.14 5.76 -6.77
CA SER A 74 -1.22 4.94 -7.31
C SER A 74 -2.34 4.73 -6.28
N GLN A 75 -2.11 5.15 -5.02
CA GLN A 75 -3.07 4.95 -3.94
C GLN A 75 -3.86 6.24 -3.64
N LEU A 76 -3.49 7.34 -4.31
CA LEU A 76 -4.08 8.64 -4.01
C LEU A 76 -5.58 8.62 -4.34
N SER A 77 -5.93 7.94 -5.44
CA SER A 77 -7.32 7.88 -5.89
C SER A 77 -8.17 7.14 -4.87
N LEU A 78 -7.59 6.11 -4.22
CA LEU A 78 -8.29 5.34 -3.21
C LEU A 78 -8.37 6.16 -1.92
N LEU A 79 -7.31 6.94 -1.63
CA LEU A 79 -7.29 7.80 -0.47
C LEU A 79 -8.40 8.85 -0.59
N CYS A 80 -8.52 9.44 -1.78
CA CYS A 80 -9.57 10.41 -2.08
C CYS A 80 -10.95 9.77 -1.90
N GLU A 81 -11.14 8.59 -2.50
CA GLU A 81 -12.40 7.86 -2.43
C GLU A 81 -12.81 7.67 -0.97
N THR A 82 -11.87 7.17 -0.15
CA THR A 82 -12.15 6.83 1.24
C THR A 82 -12.46 8.11 2.03
N HIS A 83 -11.80 9.22 1.64
CA HIS A 83 -12.01 10.51 2.30
C HIS A 83 -13.44 10.97 2.08
N LEU A 84 -13.89 10.93 0.81
CA LEU A 84 -15.24 11.35 0.45
C LEU A 84 -16.26 10.54 1.24
N ARG A 85 -16.00 9.23 1.32
CA ARG A 85 -16.93 8.29 1.92
C ARG A 85 -17.07 8.58 3.41
N ARG A 86 -15.93 8.81 4.09
CA ARG A 86 -15.90 8.99 5.52
C ARG A 86 -16.63 10.29 5.90
N GLU A 87 -16.30 11.37 5.19
CA GLU A 87 -16.78 12.71 5.54
C GLU A 87 -18.16 12.96 4.93
N GLY A 88 -18.65 12.01 4.11
CA GLY A 88 -19.97 12.10 3.52
C GLY A 88 -20.05 13.21 2.48
N LEU A 89 -18.94 13.44 1.77
CA LEU A 89 -18.87 14.44 0.71
C LEU A 89 -19.44 13.85 -0.57
N GLY A 90 -19.97 14.71 -1.44
CA GLY A 90 -20.49 14.28 -2.72
C GLY A 90 -19.36 14.00 -3.71
N GLN A 91 -19.70 13.33 -4.82
CA GLN A 91 -18.73 12.97 -5.84
C GLN A 91 -18.29 14.21 -6.62
N ASP A 92 -18.96 15.35 -6.35
CA ASP A 92 -18.57 16.64 -6.92
C ASP A 92 -17.26 17.11 -6.30
N GLN A 93 -16.87 16.49 -5.17
CA GLN A 93 -15.67 16.89 -4.43
C GLN A 93 -14.52 15.91 -4.72
N ALA A 94 -14.70 15.03 -5.70
CA ALA A 94 -13.68 14.04 -6.04
C ALA A 94 -12.46 14.73 -6.63
N GLU A 95 -12.69 15.64 -7.57
CA GLU A 95 -11.62 16.33 -8.27
C GLU A 95 -10.79 17.18 -7.29
N PRO A 96 -11.42 18.07 -6.48
CA PRO A 96 -10.67 18.94 -5.55
C PRO A 96 -9.94 18.23 -4.41
N VAL A 97 -10.57 17.16 -3.87
CA VAL A 97 -9.96 16.40 -2.78
C VAL A 97 -8.73 15.64 -3.31
N LEU A 98 -8.87 15.03 -4.50
CA LEU A 98 -7.77 14.31 -5.12
C LEU A 98 -6.61 15.26 -5.36
N GLU A 99 -6.92 16.46 -5.88
CA GLU A 99 -5.91 17.46 -6.21
C GLU A 99 -5.09 17.79 -4.96
N VAL A 100 -5.77 17.96 -3.81
CA VAL A 100 -5.12 18.29 -2.56
C VAL A 100 -4.08 17.21 -2.23
N TYR A 101 -4.47 15.95 -2.42
CA TYR A 101 -3.62 14.81 -2.08
C TYR A 101 -2.46 14.69 -3.08
N GLN A 102 -2.73 14.95 -4.36
CA GLN A 102 -1.70 14.87 -5.39
C GLN A 102 -0.64 15.96 -5.18
N ARG A 103 -1.09 17.18 -4.89
CA ARG A 103 -0.21 18.33 -4.79
C ARG A 103 0.57 18.28 -3.46
N LEU A 104 -0.01 17.63 -2.44
CA LEU A 104 0.73 17.33 -1.21
C LEU A 104 1.79 16.28 -1.50
N HIS A 105 1.42 15.26 -2.29
CA HIS A 105 2.30 14.15 -2.60
C HIS A 105 3.51 14.61 -3.43
N SER A 106 3.31 15.65 -4.26
CA SER A 106 4.37 16.15 -5.13
C SER A 106 4.92 17.48 -4.61
N ASP A 107 4.50 17.88 -3.40
CA ASP A 107 4.91 19.15 -2.83
C ASP A 107 6.42 19.13 -2.54
N LYS A 108 7.07 20.27 -2.77
CA LYS A 108 8.50 20.42 -2.53
C LYS A 108 8.75 21.78 -1.91
N GLY A 109 9.46 21.79 -0.77
CA GLY A 109 9.67 23.00 0.01
C GLY A 109 8.42 23.37 0.82
N GLY A 110 7.39 22.51 0.77
CA GLY A 110 6.15 22.74 1.48
C GLY A 110 5.39 23.95 0.93
N SER A 111 5.59 24.25 -0.37
CA SER A 111 5.02 25.45 -0.98
C SER A 111 3.50 25.34 -1.03
N PHE A 112 3.00 24.19 -1.51
CA PHE A 112 1.57 23.97 -1.62
C PHE A 112 0.96 23.83 -0.22
N GLU A 113 1.64 23.10 0.65
CA GLU A 113 1.20 22.93 2.04
C GLU A 113 1.00 24.30 2.69
N ALA A 114 1.90 25.24 2.38
CA ALA A 114 1.83 26.60 2.92
C ALA A 114 0.60 27.33 2.35
N ALA A 115 0.38 27.18 1.05
CA ALA A 115 -0.76 27.80 0.39
C ALA A 115 -2.07 27.27 1.00
N LEU A 116 -2.12 25.95 1.22
CA LEU A 116 -3.31 25.30 1.75
C LEU A 116 -3.64 25.88 3.13
N TRP A 117 -2.60 26.08 3.95
CA TRP A 117 -2.75 26.63 5.29
C TRP A 117 -3.38 28.02 5.22
N GLN A 118 -2.87 28.86 4.30
CA GLN A 118 -3.26 30.25 4.24
C GLN A 118 -4.68 30.39 3.68
N GLN A 119 -4.97 29.63 2.62
CA GLN A 119 -6.20 29.81 1.86
C GLN A 119 -7.41 29.29 2.64
N TRP A 120 -7.23 28.17 3.35
CA TRP A 120 -8.33 27.52 4.05
C TRP A 120 -8.50 28.08 5.45
N ASP A 121 -9.76 28.06 5.93
CA ASP A 121 -10.08 28.47 7.28
C ASP A 121 -9.77 27.31 8.23
N ARG A 122 -9.81 27.61 9.53
CA ARG A 122 -9.29 26.72 10.56
C ARG A 122 -10.12 25.42 10.61
N GLN A 123 -11.46 25.56 10.60
CA GLN A 123 -12.34 24.41 10.75
C GLN A 123 -12.17 23.44 9.59
N SER A 124 -11.99 23.98 8.37
CA SER A 124 -11.87 23.15 7.18
C SER A 124 -10.61 22.30 7.25
N LEU A 125 -9.52 22.88 7.77
CA LEU A 125 -8.25 22.18 7.91
C LEU A 125 -8.39 21.09 8.97
N ILE A 126 -9.13 21.40 10.05
CA ILE A 126 -9.33 20.46 11.15
C ILE A 126 -10.00 19.19 10.63
N MET A 127 -11.10 19.35 9.90
CA MET A 127 -11.88 18.22 9.40
C MET A 127 -11.07 17.41 8.38
N PHE A 128 -10.27 18.11 7.56
CA PHE A 128 -9.47 17.44 6.55
C PHE A 128 -8.38 16.61 7.23
N ILE A 129 -7.74 17.19 8.26
CA ILE A 129 -6.65 16.55 8.96
C ILE A 129 -7.18 15.33 9.72
N THR A 130 -8.29 15.52 10.45
CA THR A 130 -8.89 14.44 11.24
C THR A 130 -9.23 13.27 10.33
N ALA A 131 -9.80 13.59 9.15
CA ALA A 131 -10.19 12.57 8.18
C ALA A 131 -8.96 11.76 7.75
N PHE A 132 -7.93 12.47 7.26
CA PHE A 132 -6.76 11.82 6.69
C PHE A 132 -6.11 10.89 7.72
N LEU A 133 -5.87 11.40 8.93
CA LEU A 133 -5.15 10.66 9.96
C LEU A 133 -5.84 9.33 10.26
N ASN A 134 -7.18 9.34 10.23
CA ASN A 134 -7.96 8.13 10.46
C ASN A 134 -7.84 7.20 9.25
N ILE A 135 -7.91 7.77 8.04
CA ILE A 135 -7.87 6.99 6.81
C ILE A 135 -6.48 6.37 6.63
N ALA A 136 -5.45 7.17 6.85
CA ALA A 136 -4.07 6.81 6.53
C ALA A 136 -3.67 5.50 7.20
N LEU A 137 -4.11 5.31 8.46
CA LEU A 137 -3.67 4.18 9.27
C LEU A 137 -4.32 2.88 8.81
N GLN A 138 -5.33 2.96 7.91
CA GLN A 138 -6.12 1.81 7.53
C GLN A 138 -5.83 1.38 6.08
N LEU A 139 -5.39 2.32 5.24
CA LEU A 139 -5.19 2.06 3.81
C LEU A 139 -3.80 1.50 3.56
N PRO A 140 -3.63 0.61 2.55
CA PRO A 140 -2.31 0.13 2.15
C PRO A 140 -1.50 1.25 1.50
N CYS A 141 -0.17 1.16 1.64
CA CYS A 141 0.72 2.18 1.11
C CYS A 141 1.22 1.80 -0.29
N GLU A 142 0.77 0.64 -0.81
CA GLU A 142 1.17 0.15 -2.13
C GLU A 142 -0.04 -0.47 -2.83
N SER A 143 -0.07 -0.37 -4.17
CA SER A 143 -1.20 -0.88 -4.96
C SER A 143 -0.72 -1.98 -5.92
N SER A 144 0.51 -1.83 -6.45
CA SER A 144 1.08 -2.78 -7.39
C SER A 144 0.82 -4.21 -6.93
N ALA A 145 0.17 -5.01 -7.79
CA ALA A 145 -0.25 -6.36 -7.46
C ALA A 145 0.96 -7.25 -7.20
N VAL A 146 2.01 -7.09 -8.04
CA VAL A 146 3.22 -7.90 -7.94
C VAL A 146 3.89 -7.62 -6.59
N VAL A 147 4.00 -6.32 -6.25
CA VAL A 147 4.65 -5.90 -5.00
C VAL A 147 3.84 -6.42 -3.81
N VAL A 148 2.53 -6.21 -3.84
CA VAL A 148 1.64 -6.57 -2.74
C VAL A 148 1.62 -8.09 -2.56
N SER A 149 1.57 -8.81 -3.69
CA SER A 149 1.51 -10.27 -3.65
C SER A 149 2.77 -10.84 -2.99
N GLY A 150 3.91 -10.23 -3.30
CA GLY A 150 5.20 -10.69 -2.77
C GLY A 150 5.37 -10.32 -1.30
N LEU A 151 4.92 -9.11 -0.94
CA LEU A 151 5.06 -8.61 0.42
C LEU A 151 4.15 -9.40 1.37
N ARG A 152 3.03 -9.91 0.85
CA ARG A 152 2.08 -10.68 1.65
C ARG A 152 2.72 -12.00 2.09
N THR A 153 3.72 -12.50 1.33
CA THR A 153 4.37 -13.76 1.66
C THR A 153 5.35 -13.56 2.82
N LEU A 154 5.70 -12.29 3.12
CA LEU A 154 6.70 -11.97 4.14
C LEU A 154 6.01 -11.64 5.47
N VAL A 155 4.74 -11.22 5.41
CA VAL A 155 4.02 -10.75 6.59
C VAL A 155 3.99 -11.87 7.64
N PRO A 156 4.46 -11.61 8.89
CA PRO A 156 4.37 -12.59 9.97
C PRO A 156 3.01 -12.57 10.66
N PRO B 30 -4.20 -10.02 3.85
CA PRO B 30 -3.46 -9.16 4.76
C PRO B 30 -3.13 -7.83 4.08
N LYS B 31 -3.30 -6.74 4.83
CA LYS B 31 -3.30 -5.40 4.26
C LYS B 31 -1.92 -4.76 4.45
N ILE B 32 -1.29 -4.37 3.33
CA ILE B 32 0.07 -3.84 3.36
C ILE B 32 0.00 -2.36 3.72
N THR B 33 -0.27 -2.08 4.99
CA THR B 33 -0.26 -0.73 5.51
C THR B 33 1.18 -0.34 5.86
N LEU B 34 1.38 0.91 6.24
CA LEU B 34 2.69 1.39 6.67
C LEU B 34 3.15 0.57 7.87
N LEU B 35 2.23 0.34 8.82
CA LEU B 35 2.56 -0.35 10.05
C LEU B 35 2.92 -1.81 9.76
N THR B 36 2.15 -2.45 8.88
CA THR B 36 2.41 -3.84 8.48
C THR B 36 3.80 -3.93 7.85
N LEU B 37 4.16 -2.91 7.07
CA LEU B 37 5.44 -2.87 6.37
C LEU B 37 6.58 -2.81 7.40
N ILE B 38 6.39 -2.01 8.46
CA ILE B 38 7.39 -1.86 9.52
C ILE B 38 7.52 -3.18 10.28
N LYS B 39 6.37 -3.80 10.60
CA LYS B 39 6.34 -5.04 11.37
C LYS B 39 7.02 -6.16 10.60
N THR B 40 6.87 -6.15 9.26
CA THR B 40 7.49 -7.17 8.42
C THR B 40 9.00 -6.98 8.42
N ALA B 41 9.45 -5.70 8.40
CA ALA B 41 10.87 -5.38 8.39
C ALA B 41 11.50 -5.76 9.74
N GLU B 42 10.80 -5.43 10.84
CA GLU B 42 11.26 -5.78 12.18
C GLU B 42 11.53 -7.28 12.26
N HIS B 43 10.55 -8.08 11.80
CA HIS B 43 10.63 -9.53 11.87
C HIS B 43 11.85 -10.03 11.09
N TRP B 44 11.93 -9.65 9.81
CA TRP B 44 12.91 -10.23 8.89
C TRP B 44 14.31 -9.67 9.15
N ALA B 45 14.41 -8.54 9.87
CA ALA B 45 15.69 -7.98 10.25
C ALA B 45 16.43 -8.95 11.19
N ARG B 46 15.68 -9.71 11.99
CA ARG B 46 16.24 -10.56 13.03
C ARG B 46 16.45 -11.99 12.54
N GLN B 47 15.88 -12.31 11.37
CA GLN B 47 15.93 -13.67 10.83
C GLN B 47 17.27 -13.91 10.13
N ASP B 48 17.83 -15.11 10.33
CA ASP B 48 18.97 -15.58 9.56
C ASP B 48 18.46 -16.04 8.21
N ILE B 49 18.65 -15.19 7.18
CA ILE B 49 18.01 -15.40 5.89
C ILE B 49 18.95 -16.15 4.95
N ARG B 50 20.00 -16.77 5.52
CA ARG B 50 20.78 -17.75 4.79
C ARG B 50 19.96 -19.03 4.66
N THR B 51 19.91 -19.60 3.45
CA THR B 51 19.28 -20.89 3.19
C THR B 51 17.77 -20.74 2.94
N ILE B 52 17.27 -19.49 2.88
CA ILE B 52 15.86 -19.26 2.56
C ILE B 52 15.66 -19.43 1.06
N GLU B 53 14.40 -19.64 0.66
CA GLU B 53 14.06 -19.89 -0.73
C GLU B 53 14.21 -18.58 -1.53
N ASP B 54 14.48 -18.72 -2.84
CA ASP B 54 14.67 -17.58 -3.72
C ASP B 54 13.41 -16.72 -3.76
N SER B 55 12.24 -17.38 -3.69
CA SER B 55 10.95 -16.68 -3.70
C SER B 55 10.92 -15.59 -2.61
N LYS B 56 11.29 -15.97 -1.39
CA LYS B 56 11.20 -15.07 -0.24
C LYS B 56 12.36 -14.07 -0.26
N LEU B 57 13.54 -14.52 -0.72
CA LEU B 57 14.69 -13.63 -0.81
C LEU B 57 14.40 -12.51 -1.83
N ARG B 58 13.66 -12.86 -2.89
CA ARG B 58 13.26 -11.89 -3.90
C ARG B 58 12.25 -10.91 -3.31
N ALA B 59 11.33 -11.43 -2.50
CA ALA B 59 10.31 -10.61 -1.85
C ALA B 59 10.97 -9.62 -0.89
N LEU B 60 12.03 -10.07 -0.21
CA LEU B 60 12.76 -9.23 0.74
C LEU B 60 13.40 -8.05 0.00
N LEU B 61 13.89 -8.30 -1.23
CA LEU B 61 14.47 -7.25 -2.04
C LEU B 61 13.39 -6.22 -2.38
N THR B 62 12.17 -6.71 -2.65
CA THR B 62 11.02 -5.85 -2.92
C THR B 62 10.73 -4.99 -1.67
N LEU B 63 10.81 -5.62 -0.48
CA LEU B 63 10.56 -4.93 0.78
C LEU B 63 11.55 -3.79 0.95
N CYS B 64 12.83 -4.07 0.65
CA CYS B 64 13.90 -3.08 0.75
C CYS B 64 13.62 -1.89 -0.17
N ALA B 65 13.18 -2.18 -1.40
CA ALA B 65 12.90 -1.15 -2.40
C ALA B 65 11.74 -0.25 -1.94
N VAL B 66 10.65 -0.89 -1.49
CA VAL B 66 9.47 -0.17 -1.04
C VAL B 66 9.83 0.66 0.19
N MET B 67 10.57 0.04 1.12
CA MET B 67 10.98 0.70 2.35
C MET B 67 11.88 1.91 2.05
N THR B 68 12.72 1.78 1.01
CA THR B 68 13.66 2.83 0.63
C THR B 68 12.88 4.08 0.21
N ARG B 69 11.73 3.88 -0.47
CA ARG B 69 10.95 4.98 -1.02
C ARG B 69 10.06 5.61 0.07
N LYS B 70 10.16 5.09 1.31
CA LYS B 70 9.46 5.71 2.44
C LYS B 70 10.38 6.73 3.12
N PHE B 71 11.65 6.79 2.68
CA PHE B 71 12.59 7.80 3.14
C PHE B 71 12.57 8.97 2.16
N SER B 72 12.71 10.18 2.70
CA SER B 72 12.89 11.36 1.87
C SER B 72 14.21 11.25 1.12
N LYS B 73 14.26 11.77 -0.11
CA LYS B 73 15.45 11.72 -0.95
C LYS B 73 16.66 12.26 -0.18
N SER B 74 16.41 13.19 0.74
CA SER B 74 17.47 13.89 1.47
C SER B 74 18.09 12.99 2.56
N GLN B 75 17.52 11.78 2.78
CA GLN B 75 18.00 10.88 3.82
C GLN B 75 18.83 9.74 3.23
N LEU B 76 18.93 9.68 1.88
CA LEU B 76 19.60 8.57 1.22
C LEU B 76 21.10 8.59 1.55
N SER B 77 21.66 9.80 1.70
CA SER B 77 23.07 9.97 2.02
C SER B 77 23.37 9.37 3.40
N LEU B 78 22.49 9.64 4.37
CA LEU B 78 22.64 9.13 5.73
C LEU B 78 22.43 7.61 5.73
N LEU B 79 21.46 7.14 4.95
CA LEU B 79 21.17 5.71 4.82
C LEU B 79 22.42 5.00 4.30
N CYS B 80 23.06 5.61 3.30
CA CYS B 80 24.29 5.07 2.72
C CYS B 80 25.38 5.02 3.79
N GLU B 81 25.59 6.15 4.48
CA GLU B 81 26.66 6.27 5.46
C GLU B 81 26.47 5.22 6.57
N THR B 82 25.22 5.10 7.06
CA THR B 82 24.90 4.19 8.14
C THR B 82 25.13 2.74 7.68
N HIS B 83 24.83 2.47 6.40
CA HIS B 83 25.04 1.16 5.81
C HIS B 83 26.53 0.78 5.86
N LEU B 84 27.39 1.70 5.39
CA LEU B 84 28.83 1.46 5.30
C LEU B 84 29.39 1.11 6.68
N ARG B 85 29.03 1.93 7.68
CA ARG B 85 29.58 1.81 9.02
C ARG B 85 29.19 0.46 9.64
N ARG B 86 27.94 0.04 9.43
CA ARG B 86 27.45 -1.20 10.01
C ARG B 86 28.25 -2.40 9.46
N GLU B 87 28.49 -2.38 8.13
CA GLU B 87 29.11 -3.51 7.45
C GLU B 87 30.63 -3.41 7.50
N GLY B 88 31.14 -2.23 7.88
CA GLY B 88 32.57 -2.02 8.03
C GLY B 88 33.23 -1.71 6.67
N LEU B 89 32.48 -1.04 5.79
CA LEU B 89 32.99 -0.67 4.47
C LEU B 89 33.69 0.67 4.56
N GLY B 90 34.68 0.88 3.67
CA GLY B 90 35.36 2.16 3.56
C GLY B 90 34.52 3.16 2.77
N GLN B 91 34.93 4.44 2.80
CA GLN B 91 34.22 5.51 2.11
C GLN B 91 34.30 5.33 0.60
N ASP B 92 35.25 4.51 0.14
CA ASP B 92 35.42 4.21 -1.28
C ASP B 92 34.19 3.45 -1.82
N GLN B 93 33.34 2.93 -0.90
CA GLN B 93 32.16 2.16 -1.28
C GLN B 93 30.89 3.02 -1.16
N ALA B 94 31.07 4.31 -0.81
CA ALA B 94 29.94 5.22 -0.60
C ALA B 94 29.19 5.45 -1.91
N GLU B 95 29.95 5.68 -2.99
CA GLU B 95 29.37 5.99 -4.28
C GLU B 95 28.52 4.81 -4.78
N PRO B 96 29.08 3.57 -4.86
CA PRO B 96 28.30 2.42 -5.32
C PRO B 96 27.07 2.06 -4.45
N VAL B 97 27.19 2.25 -3.12
CA VAL B 97 26.11 1.92 -2.21
C VAL B 97 25.00 2.97 -2.32
N LEU B 98 25.40 4.25 -2.44
CA LEU B 98 24.44 5.34 -2.58
C LEU B 98 23.66 5.19 -3.88
N GLU B 99 24.39 4.83 -4.96
CA GLU B 99 23.79 4.62 -6.28
C GLU B 99 22.64 3.63 -6.18
N VAL B 100 22.85 2.53 -5.44
CA VAL B 100 21.85 1.49 -5.27
C VAL B 100 20.60 2.10 -4.63
N TYR B 101 20.80 2.87 -3.55
CA TYR B 101 19.69 3.44 -2.80
C TYR B 101 18.96 4.49 -3.63
N GLN B 102 19.73 5.27 -4.41
CA GLN B 102 19.15 6.31 -5.26
C GLN B 102 18.28 5.68 -6.34
N ARG B 103 18.77 4.58 -6.95
CA ARG B 103 18.08 3.96 -8.07
C ARG B 103 16.89 3.13 -7.59
N LEU B 104 16.97 2.59 -6.36
CA LEU B 104 15.82 1.95 -5.73
C LEU B 104 14.75 3.01 -5.44
N HIS B 105 15.20 4.19 -4.99
CA HIS B 105 14.31 5.27 -4.61
C HIS B 105 13.54 5.78 -5.82
N SER B 106 14.22 5.86 -6.98
CA SER B 106 13.63 6.45 -8.19
C SER B 106 13.18 5.36 -9.17
N ASP B 107 13.11 4.11 -8.69
CA ASP B 107 12.78 2.98 -9.55
C ASP B 107 11.29 3.05 -9.92
N LYS B 108 10.97 2.64 -11.16
CA LYS B 108 9.60 2.55 -11.61
C LYS B 108 9.39 1.22 -12.33
N GLY B 109 8.37 0.47 -11.89
CA GLY B 109 8.04 -0.82 -12.50
C GLY B 109 9.00 -1.93 -12.06
N GLY B 110 9.82 -1.64 -11.03
CA GLY B 110 10.77 -2.61 -10.51
C GLY B 110 11.86 -2.96 -11.54
N SER B 111 12.21 -1.98 -12.38
CA SER B 111 13.17 -2.18 -13.46
C SER B 111 14.57 -2.40 -12.90
N PHE B 112 15.02 -1.46 -12.05
CA PHE B 112 16.35 -1.54 -11.44
C PHE B 112 16.39 -2.68 -10.42
N GLU B 113 15.30 -2.82 -9.66
CA GLU B 113 15.17 -3.88 -8.66
C GLU B 113 15.46 -5.23 -9.32
N ALA B 114 14.88 -5.45 -10.52
CA ALA B 114 15.02 -6.71 -11.22
C ALA B 114 16.45 -6.90 -11.71
N ALA B 115 17.11 -5.80 -12.09
CA ALA B 115 18.48 -5.85 -12.59
C ALA B 115 19.44 -6.23 -11.45
N LEU B 116 19.16 -5.73 -10.24
CA LEU B 116 19.93 -6.08 -9.06
C LEU B 116 19.94 -7.60 -8.89
N TRP B 117 18.73 -8.19 -8.91
CA TRP B 117 18.58 -9.62 -8.71
C TRP B 117 19.48 -10.39 -9.69
N GLN B 118 19.40 -10.02 -10.97
CA GLN B 118 20.16 -10.67 -12.03
C GLN B 118 21.66 -10.49 -11.81
N GLN B 119 22.08 -9.22 -11.63
CA GLN B 119 23.49 -8.85 -11.60
C GLN B 119 24.18 -9.45 -10.36
N TRP B 120 23.56 -9.29 -9.19
CA TRP B 120 24.20 -9.61 -7.92
C TRP B 120 24.08 -11.10 -7.61
N ASP B 121 25.06 -11.59 -6.82
CA ASP B 121 25.03 -12.94 -6.26
C ASP B 121 24.20 -12.93 -4.96
N ARG B 122 23.88 -14.13 -4.46
CA ARG B 122 23.01 -14.28 -3.30
C ARG B 122 23.63 -13.55 -2.10
N GLN B 123 24.89 -13.84 -1.80
CA GLN B 123 25.53 -13.37 -0.57
C GLN B 123 25.63 -11.84 -0.56
N SER B 124 25.98 -11.25 -1.71
CA SER B 124 26.01 -9.80 -1.85
C SER B 124 24.62 -9.22 -1.60
N LEU B 125 23.59 -9.96 -2.04
CA LEU B 125 22.21 -9.52 -1.95
C LEU B 125 21.68 -9.75 -0.52
N ILE B 126 22.10 -10.86 0.10
CA ILE B 126 21.68 -11.20 1.45
C ILE B 126 22.29 -10.20 2.45
N MET B 127 23.58 -9.90 2.27
CA MET B 127 24.27 -8.97 3.15
C MET B 127 23.63 -7.58 3.06
N PHE B 128 23.23 -7.17 1.85
CA PHE B 128 22.66 -5.85 1.62
C PHE B 128 21.28 -5.75 2.28
N ILE B 129 20.48 -6.83 2.14
CA ILE B 129 19.13 -6.86 2.68
C ILE B 129 19.19 -6.81 4.21
N THR B 130 20.01 -7.68 4.80
CA THR B 130 20.17 -7.74 6.25
C THR B 130 20.62 -6.37 6.76
N ALA B 131 21.57 -5.75 6.06
CA ALA B 131 22.09 -4.46 6.45
C ALA B 131 20.98 -3.41 6.47
N PHE B 132 20.19 -3.37 5.39
CA PHE B 132 19.17 -2.34 5.21
C PHE B 132 18.06 -2.49 6.26
N LEU B 133 17.53 -3.71 6.39
CA LEU B 133 16.38 -3.96 7.26
C LEU B 133 16.68 -3.50 8.71
N ASN B 134 17.95 -3.64 9.11
CA ASN B 134 18.36 -3.26 10.47
C ASN B 134 18.44 -1.74 10.60
N ILE B 135 19.17 -1.08 9.68
CA ILE B 135 19.45 0.35 9.78
C ILE B 135 18.18 1.15 9.54
N ALA B 136 17.29 0.65 8.66
CA ALA B 136 16.13 1.39 8.19
C ALA B 136 15.18 1.70 9.35
N LEU B 137 15.10 0.80 10.33
CA LEU B 137 14.14 0.89 11.42
C LEU B 137 14.60 1.93 12.45
N GLN B 138 15.87 2.37 12.36
CA GLN B 138 16.45 3.23 13.40
C GLN B 138 16.60 4.68 12.89
N LEU B 139 16.72 4.86 11.57
CA LEU B 139 17.01 6.17 11.00
C LEU B 139 15.72 6.96 10.75
N PRO B 140 15.76 8.31 10.88
CA PRO B 140 14.61 9.15 10.52
C PRO B 140 14.30 9.08 9.02
N CYS B 141 13.00 9.24 8.69
CA CYS B 141 12.54 9.20 7.31
C CYS B 141 12.38 10.62 6.77
N GLU B 142 12.71 11.62 7.61
CA GLU B 142 12.68 13.03 7.21
C GLU B 142 13.92 13.73 7.78
N SER B 143 14.47 14.67 7.01
CA SER B 143 15.69 15.39 7.40
C SER B 143 15.41 16.88 7.59
N SER B 144 14.49 17.43 6.79
CA SER B 144 14.17 18.85 6.83
C SER B 144 13.93 19.29 8.28
N ALA B 145 14.78 20.22 8.75
CA ALA B 145 14.79 20.64 10.15
C ALA B 145 13.44 21.26 10.53
N VAL B 146 12.82 21.98 9.57
CA VAL B 146 11.53 22.62 9.80
C VAL B 146 10.45 21.54 10.00
N VAL B 147 10.52 20.47 9.19
CA VAL B 147 9.57 19.37 9.29
C VAL B 147 9.79 18.67 10.63
N VAL B 148 11.04 18.31 10.90
CA VAL B 148 11.40 17.54 12.09
C VAL B 148 11.01 18.31 13.35
N SER B 149 11.34 19.62 13.36
CA SER B 149 11.06 20.48 14.51
C SER B 149 9.56 20.47 14.84
N GLY B 150 8.74 20.61 13.79
CA GLY B 150 7.29 20.63 13.94
C GLY B 150 6.74 19.28 14.41
N LEU B 151 7.18 18.20 13.75
CA LEU B 151 6.70 16.86 14.06
C LEU B 151 7.10 16.46 15.49
N ARG B 152 8.22 17.01 15.99
CA ARG B 152 8.71 16.70 17.32
C ARG B 152 7.73 17.19 18.39
N THR B 153 7.00 18.27 18.08
CA THR B 153 6.08 18.87 19.05
C THR B 153 4.81 18.02 19.18
N LEU B 154 4.64 17.03 18.27
CA LEU B 154 3.42 16.24 18.20
C LEU B 154 3.61 14.86 18.84
N VAL B 155 4.88 14.43 18.98
CA VAL B 155 5.17 13.08 19.45
C VAL B 155 4.65 12.93 20.88
N PRO B 156 3.85 11.86 21.18
CA PRO B 156 3.41 11.60 22.55
C PRO B 156 4.48 10.89 23.37
N PRO C 30 -22.09 10.02 38.01
CA PRO C 30 -22.35 10.89 36.87
C PRO C 30 -23.78 10.68 36.33
N LYS C 31 -24.54 11.77 36.25
CA LYS C 31 -25.91 11.72 35.75
C LYS C 31 -25.88 11.53 34.23
N ILE C 32 -26.67 10.58 33.74
CA ILE C 32 -26.73 10.27 32.32
C ILE C 32 -27.76 11.19 31.66
N THR C 33 -27.44 12.49 31.62
CA THR C 33 -28.27 13.47 30.95
C THR C 33 -28.06 13.33 29.44
N LEU C 34 -28.94 13.98 28.66
CA LEU C 34 -28.86 13.95 27.20
C LEU C 34 -27.50 14.47 26.75
N LEU C 35 -27.02 15.54 27.41
CA LEU C 35 -25.75 16.16 27.06
C LEU C 35 -24.60 15.19 27.36
N THR C 36 -24.64 14.56 28.54
CA THR C 36 -23.62 13.59 28.94
C THR C 36 -23.59 12.44 27.93
N LEU C 37 -24.78 12.07 27.43
CA LEU C 37 -24.90 10.98 26.48
C LEU C 37 -24.21 11.36 25.17
N ILE C 38 -24.36 12.63 24.77
CA ILE C 38 -23.75 13.14 23.54
C ILE C 38 -22.23 13.22 23.71
N LYS C 39 -21.78 13.73 24.88
CA LYS C 39 -20.36 13.91 25.14
C LYS C 39 -19.66 12.55 25.22
N THR C 40 -20.38 11.53 25.70
CA THR C 40 -19.86 10.18 25.74
C THR C 40 -19.73 9.63 24.32
N ALA C 41 -20.75 9.91 23.49
CA ALA C 41 -20.75 9.48 22.10
C ALA C 41 -19.61 10.16 21.34
N GLU C 42 -19.45 11.47 21.56
CA GLU C 42 -18.40 12.26 20.91
C GLU C 42 -17.03 11.64 21.19
N HIS C 43 -16.80 11.25 22.46
CA HIS C 43 -15.52 10.71 22.89
C HIS C 43 -15.26 9.37 22.19
N TRP C 44 -16.20 8.43 22.33
CA TRP C 44 -15.98 7.05 21.91
C TRP C 44 -16.00 6.90 20.39
N ALA C 45 -16.52 7.92 19.70
CA ALA C 45 -16.52 7.93 18.25
C ALA C 45 -15.10 8.01 17.70
N ARG C 46 -14.17 8.56 18.52
CA ARG C 46 -12.80 8.80 18.07
C ARG C 46 -11.88 7.62 18.44
N GLN C 47 -12.33 6.75 19.35
CA GLN C 47 -11.45 5.76 19.95
C GLN C 47 -11.32 4.53 19.05
N ASP C 48 -10.19 3.82 19.19
CA ASP C 48 -10.00 2.50 18.62
C ASP C 48 -10.55 1.48 19.62
N ILE C 49 -11.78 1.01 19.36
CA ILE C 49 -12.53 0.25 20.35
C ILE C 49 -12.29 -1.25 20.17
N ARG C 50 -11.22 -1.61 19.44
CA ARG C 50 -10.85 -3.00 19.25
C ARG C 50 -10.22 -3.56 20.52
N THR C 51 -9.49 -2.69 21.25
CA THR C 51 -8.60 -3.14 22.31
C THR C 51 -9.19 -2.84 23.69
N ILE C 52 -10.45 -2.38 23.74
CA ILE C 52 -11.12 -2.13 25.01
C ILE C 52 -11.64 -3.45 25.56
N GLU C 53 -11.84 -3.50 26.88
CA GLU C 53 -12.44 -4.66 27.53
C GLU C 53 -13.89 -4.79 27.07
N ASP C 54 -14.42 -6.03 27.10
CA ASP C 54 -15.70 -6.34 26.49
C ASP C 54 -16.85 -5.73 27.28
N SER C 55 -16.65 -5.56 28.60
CA SER C 55 -17.66 -4.93 29.45
C SER C 55 -17.97 -3.53 28.92
N LYS C 56 -16.95 -2.84 28.37
CA LYS C 56 -17.11 -1.51 27.82
C LYS C 56 -17.70 -1.58 26.41
N LEU C 57 -17.32 -2.62 25.65
CA LEU C 57 -17.86 -2.83 24.31
C LEU C 57 -19.34 -3.18 24.41
N ARG C 58 -19.72 -3.86 25.50
CA ARG C 58 -21.12 -4.21 25.76
C ARG C 58 -21.88 -2.93 26.12
N ALA C 59 -21.26 -2.07 26.94
CA ALA C 59 -21.86 -0.81 27.34
C ALA C 59 -22.03 0.12 26.13
N LEU C 60 -21.09 0.02 25.18
CA LEU C 60 -21.15 0.85 23.97
C LEU C 60 -22.33 0.42 23.10
N LEU C 61 -22.64 -0.87 23.11
CA LEU C 61 -23.80 -1.38 22.37
C LEU C 61 -25.08 -0.79 22.97
N THR C 62 -25.13 -0.72 24.32
CA THR C 62 -26.24 -0.09 25.02
C THR C 62 -26.31 1.38 24.63
N LEU C 63 -25.15 2.05 24.59
CA LEU C 63 -25.07 3.45 24.22
C LEU C 63 -25.71 3.66 22.84
N CYS C 64 -25.37 2.76 21.89
CA CYS C 64 -25.90 2.81 20.55
C CYS C 64 -27.42 2.60 20.57
N ALA C 65 -27.87 1.63 21.38
CA ALA C 65 -29.29 1.30 21.49
C ALA C 65 -30.07 2.48 22.05
N VAL C 66 -29.54 3.09 23.11
CA VAL C 66 -30.18 4.21 23.78
C VAL C 66 -30.20 5.41 22.83
N MET C 67 -29.05 5.69 22.20
CA MET C 67 -28.91 6.82 21.28
C MET C 67 -29.89 6.67 20.10
N THR C 68 -30.10 5.41 19.65
CA THR C 68 -30.99 5.14 18.54
C THR C 68 -32.41 5.58 18.90
N ARG C 69 -32.80 5.38 20.17
CA ARG C 69 -34.16 5.65 20.61
C ARG C 69 -34.36 7.17 20.86
N LYS C 70 -33.30 7.96 20.63
CA LYS C 70 -33.40 9.41 20.69
C LYS C 70 -33.70 9.97 19.29
N PHE C 71 -33.84 9.08 18.30
CA PHE C 71 -34.23 9.46 16.95
C PHE C 71 -35.72 9.13 16.77
N SER C 72 -36.43 10.01 16.05
CA SER C 72 -37.78 9.70 15.60
C SER C 72 -37.72 8.52 14.62
N LYS C 73 -38.81 7.76 14.55
CA LYS C 73 -38.84 6.53 13.75
C LYS C 73 -38.65 6.85 12.28
N SER C 74 -38.99 8.08 11.87
CA SER C 74 -38.92 8.52 10.49
C SER C 74 -37.45 8.66 10.03
N GLN C 75 -36.51 8.76 10.99
CA GLN C 75 -35.11 9.03 10.67
C GLN C 75 -34.30 7.73 10.55
N LEU C 76 -34.94 6.58 10.82
CA LEU C 76 -34.24 5.31 10.82
C LEU C 76 -33.70 5.00 9.42
N SER C 77 -34.50 5.29 8.39
CA SER C 77 -34.13 5.00 7.02
C SER C 77 -32.91 5.83 6.60
N LEU C 78 -32.88 7.11 7.02
CA LEU C 78 -31.75 7.99 6.72
C LEU C 78 -30.51 7.49 7.44
N LEU C 79 -30.69 7.10 8.70
CA LEU C 79 -29.59 6.61 9.52
C LEU C 79 -28.96 5.38 8.85
N CYS C 80 -29.82 4.49 8.32
CA CYS C 80 -29.36 3.28 7.64
C CYS C 80 -28.59 3.64 6.36
N GLU C 81 -29.17 4.53 5.55
CA GLU C 81 -28.57 4.94 4.29
C GLU C 81 -27.19 5.54 4.55
N THR C 82 -27.11 6.45 5.53
CA THR C 82 -25.87 7.13 5.86
C THR C 82 -24.84 6.11 6.35
N HIS C 83 -25.32 5.10 7.10
CA HIS C 83 -24.46 4.04 7.60
C HIS C 83 -23.83 3.28 6.43
N LEU C 84 -24.67 2.91 5.45
CA LEU C 84 -24.23 2.14 4.29
C LEU C 84 -23.18 2.93 3.52
N ARG C 85 -23.49 4.20 3.24
CA ARG C 85 -22.65 5.04 2.41
C ARG C 85 -21.27 5.18 3.03
N ARG C 86 -21.21 5.45 4.35
CA ARG C 86 -19.96 5.68 5.05
C ARG C 86 -19.08 4.41 5.03
N GLU C 87 -19.72 3.24 5.23
CA GLU C 87 -19.00 1.99 5.40
C GLU C 87 -18.73 1.33 4.04
N GLY C 88 -19.29 1.91 2.97
CA GLY C 88 -19.04 1.41 1.62
C GLY C 88 -19.73 0.07 1.38
N LEU C 89 -20.98 -0.05 1.87
CA LEU C 89 -21.78 -1.25 1.71
C LEU C 89 -22.70 -1.06 0.50
N GLY C 90 -23.11 -2.18 -0.10
CA GLY C 90 -24.03 -2.17 -1.22
C GLY C 90 -25.48 -2.03 -0.74
N GLN C 91 -26.41 -1.98 -1.71
CA GLN C 91 -27.83 -1.82 -1.41
C GLN C 91 -28.41 -3.15 -0.89
N ASP C 92 -27.67 -4.25 -1.12
CA ASP C 92 -28.09 -5.57 -0.68
C ASP C 92 -28.02 -5.67 0.84
N GLN C 93 -27.28 -4.74 1.48
CA GLN C 93 -27.09 -4.75 2.92
C GLN C 93 -28.03 -3.75 3.61
N ALA C 94 -28.93 -3.14 2.82
CA ALA C 94 -29.88 -2.17 3.35
C ALA C 94 -30.89 -2.88 4.27
N GLU C 95 -31.38 -4.03 3.81
CA GLU C 95 -32.42 -4.77 4.53
C GLU C 95 -31.93 -5.11 5.94
N PRO C 96 -30.75 -5.77 6.11
CA PRO C 96 -30.28 -6.16 7.44
C PRO C 96 -29.92 -4.97 8.37
N VAL C 97 -29.30 -3.93 7.79
CA VAL C 97 -28.85 -2.78 8.58
C VAL C 97 -30.07 -2.04 9.16
N LEU C 98 -31.09 -1.81 8.32
CA LEU C 98 -32.30 -1.09 8.73
C LEU C 98 -33.04 -1.89 9.80
N GLU C 99 -32.96 -3.22 9.72
CA GLU C 99 -33.66 -4.09 10.66
C GLU C 99 -33.03 -3.94 12.06
N VAL C 100 -31.69 -3.80 12.11
CA VAL C 100 -30.98 -3.64 13.37
C VAL C 100 -31.45 -2.35 14.04
N TYR C 101 -31.46 -1.25 13.27
CA TYR C 101 -31.84 0.05 13.79
C TYR C 101 -33.31 0.02 14.23
N GLN C 102 -34.16 -0.62 13.42
CA GLN C 102 -35.57 -0.73 13.73
C GLN C 102 -35.77 -1.48 15.05
N ARG C 103 -35.12 -2.65 15.17
CA ARG C 103 -35.34 -3.52 16.33
C ARG C 103 -34.63 -2.95 17.57
N LEU C 104 -33.66 -2.05 17.35
CA LEU C 104 -33.04 -1.32 18.45
C LEU C 104 -33.99 -0.22 18.93
N HIS C 105 -34.68 0.41 17.97
CA HIS C 105 -35.59 1.52 18.25
C HIS C 105 -36.80 1.02 19.05
N SER C 106 -37.25 -0.22 18.75
CA SER C 106 -38.45 -0.77 19.34
C SER C 106 -38.11 -1.77 20.46
N ASP C 107 -36.81 -1.90 20.77
CA ASP C 107 -36.34 -2.89 21.73
C ASP C 107 -37.02 -2.67 23.09
N LYS C 108 -37.32 -3.78 23.78
CA LYS C 108 -37.96 -3.74 25.09
C LYS C 108 -37.20 -4.67 26.04
N GLY C 109 -36.68 -4.12 27.13
CA GLY C 109 -35.97 -4.90 28.14
C GLY C 109 -34.57 -5.29 27.69
N GLY C 110 -34.10 -4.70 26.58
CA GLY C 110 -32.78 -4.99 26.04
C GLY C 110 -32.70 -6.42 25.47
N SER C 111 -33.84 -6.94 24.98
CA SER C 111 -33.91 -8.31 24.51
C SER C 111 -33.16 -8.45 23.19
N PHE C 112 -33.48 -7.58 22.22
CA PHE C 112 -32.82 -7.59 20.92
C PHE C 112 -31.35 -7.20 21.09
N GLU C 113 -31.10 -6.23 21.98
CA GLU C 113 -29.75 -5.76 22.29
C GLU C 113 -28.88 -6.97 22.66
N ALA C 114 -29.38 -7.81 23.58
CA ALA C 114 -28.65 -8.97 24.08
C ALA C 114 -28.47 -10.01 22.96
N ALA C 115 -29.49 -10.13 22.10
CA ALA C 115 -29.45 -11.08 20.99
C ALA C 115 -28.36 -10.70 20.00
N LEU C 116 -28.16 -9.38 19.83
CA LEU C 116 -27.16 -8.87 18.89
C LEU C 116 -25.77 -9.22 19.39
N TRP C 117 -25.59 -9.19 20.73
CA TRP C 117 -24.33 -9.55 21.37
C TRP C 117 -24.07 -11.05 21.26
N GLN C 118 -25.13 -11.84 21.44
CA GLN C 118 -25.03 -13.29 21.48
C GLN C 118 -24.57 -13.83 20.13
N GLN C 119 -25.14 -13.29 19.04
CA GLN C 119 -25.04 -13.90 17.72
C GLN C 119 -23.86 -13.32 16.93
N TRP C 120 -23.73 -11.98 16.92
CA TRP C 120 -22.69 -11.31 16.15
C TRP C 120 -21.31 -11.59 16.77
N ASP C 121 -20.29 -11.72 15.91
CA ASP C 121 -18.92 -11.85 16.38
C ASP C 121 -18.40 -10.48 16.80
N ARG C 122 -17.32 -10.47 17.58
CA ARG C 122 -16.81 -9.26 18.19
C ARG C 122 -16.55 -8.18 17.13
N GLN C 123 -16.01 -8.60 15.98
CA GLN C 123 -15.60 -7.67 14.94
C GLN C 123 -16.84 -6.99 14.34
N SER C 124 -17.96 -7.73 14.25
CA SER C 124 -19.19 -7.19 13.69
C SER C 124 -19.72 -6.06 14.59
N LEU C 125 -19.70 -6.28 15.92
CA LEU C 125 -20.13 -5.28 16.89
C LEU C 125 -19.31 -4.01 16.69
N ILE C 126 -17.98 -4.17 16.64
CA ILE C 126 -17.06 -3.05 16.59
C ILE C 126 -17.32 -2.19 15.35
N MET C 127 -17.51 -2.83 14.20
CA MET C 127 -17.73 -2.13 12.94
C MET C 127 -19.03 -1.32 13.02
N PHE C 128 -20.06 -1.93 13.62
CA PHE C 128 -21.38 -1.33 13.65
C PHE C 128 -21.42 -0.17 14.64
N ILE C 129 -20.77 -0.37 15.81
CA ILE C 129 -20.79 0.63 16.88
C ILE C 129 -20.02 1.88 16.43
N THR C 130 -18.81 1.67 15.92
CA THR C 130 -17.96 2.78 15.48
C THR C 130 -18.69 3.59 14.40
N ALA C 131 -19.33 2.88 13.47
CA ALA C 131 -20.04 3.53 12.37
C ALA C 131 -21.20 4.37 12.92
N PHE C 132 -22.00 3.78 13.81
CA PHE C 132 -23.17 4.45 14.35
C PHE C 132 -22.74 5.74 15.08
N LEU C 133 -21.85 5.59 16.06
CA LEU C 133 -21.44 6.71 16.91
C LEU C 133 -20.97 7.89 16.05
N ASN C 134 -20.28 7.59 14.94
CA ASN C 134 -19.78 8.63 14.04
C ASN C 134 -20.92 9.26 13.26
N ILE C 135 -21.94 8.45 12.90
CA ILE C 135 -23.06 8.91 12.08
C ILE C 135 -24.05 9.71 12.93
N ALA C 136 -24.37 9.19 14.13
CA ALA C 136 -25.50 9.65 14.92
C ALA C 136 -25.42 11.15 15.22
N LEU C 137 -24.20 11.64 15.49
CA LEU C 137 -24.02 12.99 16.03
C LEU C 137 -24.19 14.06 14.95
N GLN C 138 -24.28 13.64 13.67
CA GLN C 138 -24.37 14.59 12.56
C GLN C 138 -25.78 14.60 11.95
N LEU C 139 -26.59 13.56 12.24
CA LEU C 139 -27.91 13.43 11.64
C LEU C 139 -28.96 14.08 12.54
N PRO C 140 -29.99 14.74 11.96
CA PRO C 140 -31.09 15.29 12.74
C PRO C 140 -31.87 14.18 13.45
N CYS C 141 -32.38 14.49 14.65
CA CYS C 141 -33.14 13.53 15.43
C CYS C 141 -34.63 13.65 15.10
N GLU C 142 -35.00 14.71 14.36
CA GLU C 142 -36.37 14.94 13.92
C GLU C 142 -36.37 15.22 12.42
N SER C 143 -37.51 14.94 11.76
CA SER C 143 -37.64 15.14 10.32
C SER C 143 -38.94 15.87 9.96
N SER C 144 -39.98 15.71 10.81
CA SER C 144 -41.25 16.40 10.60
C SER C 144 -41.00 17.86 10.21
N ALA C 145 -41.46 18.23 9.02
CA ALA C 145 -41.20 19.55 8.44
C ALA C 145 -41.74 20.65 9.36
N VAL C 146 -42.93 20.42 9.93
CA VAL C 146 -43.57 21.41 10.78
C VAL C 146 -42.73 21.58 12.06
N VAL C 147 -42.26 20.46 12.62
CA VAL C 147 -41.46 20.48 13.84
C VAL C 147 -40.12 21.16 13.55
N VAL C 148 -39.47 20.74 12.45
CA VAL C 148 -38.13 21.22 12.12
C VAL C 148 -38.18 22.73 11.86
N SER C 149 -39.19 23.17 11.09
CA SER C 149 -39.34 24.58 10.77
C SER C 149 -39.52 25.40 12.04
N GLY C 150 -40.34 24.88 12.97
CA GLY C 150 -40.63 25.56 14.22
C GLY C 150 -39.38 25.67 15.11
N LEU C 151 -38.70 24.54 15.31
CA LEU C 151 -37.53 24.49 16.18
C LEU C 151 -36.41 25.35 15.60
N ARG C 152 -36.38 25.50 14.26
CA ARG C 152 -35.34 26.29 13.60
C ARG C 152 -35.47 27.77 13.95
N THR C 153 -36.67 28.20 14.39
CA THR C 153 -36.88 29.62 14.73
C THR C 153 -36.32 29.91 16.13
N LEU C 154 -35.96 28.86 16.87
CA LEU C 154 -35.54 28.99 18.27
C LEU C 154 -34.01 28.96 18.40
N VAL C 155 -33.33 28.32 17.44
CA VAL C 155 -31.90 28.08 17.55
C VAL C 155 -31.19 29.42 17.75
N PRO C 156 -30.32 29.56 18.79
CA PRO C 156 -29.62 30.81 19.05
C PRO C 156 -28.45 31.04 18.09
N PRO D 30 24.36 -10.15 -41.78
CA PRO D 30 23.13 -10.67 -42.36
C PRO D 30 22.90 -12.17 -42.17
N LYS D 31 23.99 -12.93 -41.98
CA LYS D 31 23.88 -14.36 -41.70
C LYS D 31 23.47 -14.57 -40.24
N ILE D 32 22.28 -15.15 -40.05
CA ILE D 32 21.74 -15.39 -38.71
C ILE D 32 22.29 -16.71 -38.19
N THR D 33 23.59 -16.72 -37.88
CA THR D 33 24.21 -17.86 -37.21
C THR D 33 23.76 -17.86 -35.76
N LEU D 34 24.08 -18.94 -35.05
CA LEU D 34 23.75 -19.06 -33.64
C LEU D 34 24.50 -17.98 -32.85
N LEU D 35 25.71 -17.63 -33.33
CA LEU D 35 26.54 -16.62 -32.69
C LEU D 35 25.90 -15.23 -32.86
N THR D 36 25.39 -14.95 -34.08
CA THR D 36 24.76 -13.67 -34.38
C THR D 36 23.51 -13.48 -33.49
N LEU D 37 22.74 -14.56 -33.31
CA LEU D 37 21.58 -14.54 -32.43
C LEU D 37 21.99 -14.04 -31.04
N ILE D 38 23.08 -14.60 -30.51
CA ILE D 38 23.52 -14.31 -29.15
C ILE D 38 23.95 -12.85 -29.05
N LYS D 39 24.79 -12.42 -30.02
CA LYS D 39 25.26 -11.04 -30.07
C LYS D 39 24.08 -10.07 -30.09
N THR D 40 23.03 -10.43 -30.85
CA THR D 40 21.85 -9.58 -30.98
C THR D 40 21.13 -9.52 -29.63
N ALA D 41 20.98 -10.67 -28.97
CA ALA D 41 20.32 -10.74 -27.67
C ALA D 41 21.15 -10.01 -26.61
N GLU D 42 22.49 -10.13 -26.71
CA GLU D 42 23.40 -9.40 -25.83
C GLU D 42 23.10 -7.91 -25.92
N HIS D 43 22.97 -7.40 -27.15
CA HIS D 43 22.78 -5.99 -27.41
C HIS D 43 21.45 -5.52 -26.82
N TRP D 44 20.35 -6.20 -27.19
CA TRP D 44 19.01 -5.74 -26.88
C TRP D 44 18.63 -6.01 -25.42
N ALA D 45 19.41 -6.87 -24.74
CA ALA D 45 19.23 -7.11 -23.31
C ALA D 45 19.61 -5.86 -22.51
N ARG D 46 20.52 -5.04 -23.09
CA ARG D 46 21.04 -3.84 -22.42
C ARG D 46 20.16 -2.62 -22.72
N GLN D 47 19.36 -2.71 -23.80
CA GLN D 47 18.66 -1.54 -24.33
C GLN D 47 17.38 -1.28 -23.53
N ASP D 48 16.99 0.01 -23.47
CA ASP D 48 15.68 0.43 -23.00
C ASP D 48 14.74 0.43 -24.20
N ILE D 49 13.71 -0.43 -24.15
CA ILE D 49 12.86 -0.68 -25.31
C ILE D 49 11.43 -0.19 -25.04
N ARG D 50 11.27 0.76 -24.11
CA ARG D 50 9.95 1.27 -23.76
C ARG D 50 9.50 2.29 -24.81
N THR D 51 10.44 2.78 -25.64
CA THR D 51 10.14 3.79 -26.67
C THR D 51 10.37 3.22 -28.07
N ILE D 52 10.52 1.88 -28.16
CA ILE D 52 10.84 1.21 -29.42
C ILE D 52 9.60 1.18 -30.31
N GLU D 53 9.83 1.35 -31.62
CA GLU D 53 8.79 1.25 -32.63
C GLU D 53 8.26 -0.19 -32.69
N ASP D 54 6.98 -0.34 -33.07
CA ASP D 54 6.31 -1.63 -33.04
C ASP D 54 7.05 -2.66 -33.91
N SER D 55 7.66 -2.20 -35.02
CA SER D 55 8.31 -3.10 -35.97
C SER D 55 9.45 -3.87 -35.30
N LYS D 56 10.28 -3.16 -34.52
CA LYS D 56 11.42 -3.77 -33.86
C LYS D 56 10.96 -4.59 -32.64
N LEU D 57 9.96 -4.07 -31.92
CA LEU D 57 9.41 -4.79 -30.78
C LEU D 57 8.86 -6.15 -31.24
N ARG D 58 8.30 -6.18 -32.46
CA ARG D 58 7.75 -7.39 -33.04
C ARG D 58 8.88 -8.34 -33.42
N ALA D 59 9.99 -7.78 -33.94
CA ALA D 59 11.15 -8.56 -34.32
C ALA D 59 11.81 -9.17 -33.07
N LEU D 60 11.83 -8.39 -31.97
CA LEU D 60 12.37 -8.86 -30.71
C LEU D 60 11.54 -10.05 -30.19
N LEU D 61 10.23 -10.04 -30.46
CA LEU D 61 9.37 -11.15 -30.07
C LEU D 61 9.78 -12.41 -30.84
N THR D 62 10.11 -12.23 -32.13
CA THR D 62 10.58 -13.33 -32.96
C THR D 62 11.91 -13.84 -32.41
N LEU D 63 12.78 -12.92 -31.98
CA LEU D 63 14.07 -13.26 -31.42
C LEU D 63 13.88 -14.14 -30.18
N CYS D 64 12.91 -13.75 -29.33
CA CYS D 64 12.63 -14.49 -28.11
C CYS D 64 12.14 -15.90 -28.46
N ALA D 65 11.28 -16.00 -29.48
CA ALA D 65 10.71 -17.28 -29.89
C ALA D 65 11.82 -18.19 -30.43
N VAL D 66 12.65 -17.63 -31.32
CA VAL D 66 13.74 -18.39 -31.94
C VAL D 66 14.68 -18.89 -30.86
N MET D 67 15.10 -17.99 -29.96
CA MET D 67 16.06 -18.32 -28.91
C MET D 67 15.46 -19.35 -27.95
N THR D 68 14.14 -19.25 -27.69
CA THR D 68 13.47 -20.21 -26.81
C THR D 68 13.64 -21.63 -27.37
N ARG D 69 13.67 -21.74 -28.70
CA ARG D 69 13.77 -23.03 -29.37
C ARG D 69 15.23 -23.52 -29.41
N LYS D 70 16.16 -22.72 -28.87
CA LYS D 70 17.56 -23.13 -28.76
C LYS D 70 17.79 -23.80 -27.40
N PHE D 71 16.79 -23.73 -26.51
CA PHE D 71 16.83 -24.46 -25.25
C PHE D 71 16.18 -25.83 -25.45
N SER D 72 16.74 -26.84 -24.79
CA SER D 72 16.11 -28.15 -24.72
C SER D 72 14.79 -28.02 -23.96
N LYS D 73 13.82 -28.87 -24.32
CA LYS D 73 12.48 -28.82 -23.74
C LYS D 73 12.54 -29.03 -22.21
N SER D 74 13.60 -29.71 -21.76
CA SER D 74 13.76 -30.04 -20.34
C SER D 74 14.18 -28.81 -19.52
N GLN D 75 14.62 -27.73 -20.20
CA GLN D 75 15.11 -26.53 -19.52
C GLN D 75 13.99 -25.50 -19.32
N LEU D 76 12.82 -25.73 -19.93
CA LEU D 76 11.76 -24.73 -19.97
C LEU D 76 11.28 -24.39 -18.56
N SER D 77 11.28 -25.39 -17.66
CA SER D 77 10.80 -25.20 -16.30
C SER D 77 11.74 -24.28 -15.52
N LEU D 78 13.05 -24.42 -15.76
CA LEU D 78 14.05 -23.58 -15.11
C LEU D 78 14.00 -22.17 -15.71
N LEU D 79 13.75 -22.10 -17.02
CA LEU D 79 13.57 -20.84 -17.71
C LEU D 79 12.41 -20.07 -17.05
N CYS D 80 11.31 -20.80 -16.81
CA CYS D 80 10.14 -20.22 -16.15
C CYS D 80 10.52 -19.76 -14.74
N GLU D 81 11.19 -20.64 -13.99
CA GLU D 81 11.56 -20.37 -12.60
C GLU D 81 12.41 -19.10 -12.52
N THR D 82 13.42 -19.02 -13.40
CA THR D 82 14.36 -17.91 -13.39
C THR D 82 13.64 -16.61 -13.82
N HIS D 83 12.62 -16.74 -14.67
CA HIS D 83 11.83 -15.62 -15.14
C HIS D 83 11.00 -15.06 -13.97
N LEU D 84 10.33 -15.95 -13.24
CA LEU D 84 9.47 -15.55 -12.12
C LEU D 84 10.28 -14.76 -11.10
N ARG D 85 11.47 -15.30 -10.74
CA ARG D 85 12.28 -14.74 -9.67
C ARG D 85 12.79 -13.35 -10.08
N ARG D 86 13.19 -13.19 -11.36
CA ARG D 86 13.73 -11.93 -11.84
C ARG D 86 12.65 -10.83 -11.74
N GLU D 87 11.41 -11.18 -12.09
CA GLU D 87 10.31 -10.21 -12.17
C GLU D 87 9.60 -10.11 -10.81
N GLY D 88 9.90 -11.04 -9.90
CA GLY D 88 9.36 -11.00 -8.54
C GLY D 88 7.93 -11.52 -8.49
N LEU D 89 7.58 -12.41 -9.41
CA LEU D 89 6.24 -12.99 -9.49
C LEU D 89 6.16 -14.18 -8.51
N GLY D 90 4.95 -14.39 -7.97
CA GLY D 90 4.68 -15.52 -7.10
C GLY D 90 4.63 -16.83 -7.89
N GLN D 91 4.58 -17.96 -7.17
CA GLN D 91 4.66 -19.27 -7.80
C GLN D 91 3.33 -19.62 -8.48
N ASP D 92 2.29 -18.81 -8.22
CA ASP D 92 0.99 -19.00 -8.84
C ASP D 92 1.04 -18.59 -10.32
N GLN D 93 2.11 -17.86 -10.71
CA GLN D 93 2.26 -17.36 -12.07
C GLN D 93 3.13 -18.32 -12.90
N ALA D 94 3.53 -19.45 -12.31
CA ALA D 94 4.38 -20.43 -12.99
C ALA D 94 3.61 -21.08 -14.14
N GLU D 95 2.31 -21.34 -13.93
CA GLU D 95 1.45 -21.96 -14.92
C GLU D 95 1.46 -21.13 -16.22
N PRO D 96 0.95 -19.88 -16.21
CA PRO D 96 0.87 -19.07 -17.43
C PRO D 96 2.21 -18.78 -18.12
N VAL D 97 3.24 -18.51 -17.30
CA VAL D 97 4.56 -18.16 -17.83
C VAL D 97 5.17 -19.37 -18.53
N LEU D 98 5.05 -20.54 -17.90
CA LEU D 98 5.57 -21.77 -18.47
C LEU D 98 4.85 -22.07 -19.79
N GLU D 99 3.54 -21.80 -19.82
CA GLU D 99 2.73 -22.10 -20.99
C GLU D 99 3.26 -21.30 -22.19
N VAL D 100 3.58 -20.01 -21.95
CA VAL D 100 4.10 -19.13 -23.00
C VAL D 100 5.36 -19.75 -23.60
N TYR D 101 6.30 -20.17 -22.74
CA TYR D 101 7.58 -20.70 -23.19
C TYR D 101 7.37 -22.04 -23.90
N GLN D 102 6.49 -22.89 -23.34
CA GLN D 102 6.18 -24.18 -23.95
C GLN D 102 5.63 -23.97 -25.36
N ARG D 103 4.70 -23.02 -25.50
CA ARG D 103 3.96 -22.85 -26.74
C ARG D 103 4.82 -22.12 -27.77
N LEU D 104 5.82 -21.33 -27.31
CA LEU D 104 6.81 -20.75 -28.21
C LEU D 104 7.77 -21.85 -28.68
N HIS D 105 8.16 -22.73 -27.76
CA HIS D 105 9.11 -23.80 -28.04
C HIS D 105 8.53 -24.74 -29.12
N SER D 106 7.21 -24.97 -29.06
CA SER D 106 6.54 -25.91 -29.93
C SER D 106 5.80 -25.18 -31.07
N ASP D 107 6.05 -23.87 -31.21
CA ASP D 107 5.34 -23.06 -32.19
C ASP D 107 5.82 -23.41 -33.60
N LYS D 108 4.88 -23.44 -34.55
CA LYS D 108 5.18 -23.73 -35.94
C LYS D 108 4.51 -22.68 -36.82
N GLY D 109 5.32 -22.01 -37.66
CA GLY D 109 4.82 -21.00 -38.59
C GLY D 109 4.49 -19.68 -37.88
N GLY D 110 4.99 -19.51 -36.65
CA GLY D 110 4.80 -18.28 -35.88
C GLY D 110 3.33 -18.03 -35.53
N SER D 111 2.57 -19.13 -35.36
CA SER D 111 1.13 -19.04 -35.11
C SER D 111 0.87 -18.47 -33.71
N PHE D 112 1.43 -19.13 -32.69
CA PHE D 112 1.24 -18.71 -31.31
C PHE D 112 1.95 -17.37 -31.07
N GLU D 113 3.07 -17.17 -31.79
CA GLU D 113 3.84 -15.93 -31.70
C GLU D 113 2.96 -14.74 -32.06
N ALA D 114 2.19 -14.88 -33.15
CA ALA D 114 1.34 -13.80 -33.65
C ALA D 114 0.17 -13.55 -32.70
N ALA D 115 -0.34 -14.62 -32.07
CA ALA D 115 -1.46 -14.53 -31.15
C ALA D 115 -1.03 -13.77 -29.89
N LEU D 116 0.22 -13.98 -29.47
CA LEU D 116 0.75 -13.34 -28.27
C LEU D 116 0.86 -11.83 -28.50
N TRP D 117 1.33 -11.44 -29.70
CA TRP D 117 1.38 -10.04 -30.10
C TRP D 117 -0.01 -9.41 -30.01
N GLN D 118 -1.03 -10.17 -30.43
CA GLN D 118 -2.40 -9.67 -30.54
C GLN D 118 -3.00 -9.43 -29.15
N GLN D 119 -2.94 -10.45 -28.28
CA GLN D 119 -3.67 -10.45 -27.02
C GLN D 119 -2.95 -9.63 -25.94
N TRP D 120 -1.61 -9.66 -25.97
CA TRP D 120 -0.83 -8.96 -24.94
C TRP D 120 -0.69 -7.49 -25.29
N ASP D 121 -0.78 -6.64 -24.24
CA ASP D 121 -0.54 -5.22 -24.38
C ASP D 121 0.95 -4.98 -24.53
N ARG D 122 1.31 -3.76 -24.93
CA ARG D 122 2.69 -3.41 -25.21
C ARG D 122 3.57 -3.61 -23.97
N GLN D 123 3.05 -3.17 -22.81
CA GLN D 123 3.85 -3.15 -21.58
C GLN D 123 4.12 -4.60 -21.12
N SER D 124 3.10 -5.47 -21.23
CA SER D 124 3.25 -6.88 -20.89
C SER D 124 4.32 -7.53 -21.77
N LEU D 125 4.35 -7.13 -23.05
CA LEU D 125 5.27 -7.71 -24.02
C LEU D 125 6.70 -7.26 -23.70
N ILE D 126 6.86 -5.97 -23.36
CA ILE D 126 8.16 -5.37 -23.12
C ILE D 126 8.81 -6.03 -21.90
N MET D 127 8.05 -6.16 -20.81
CA MET D 127 8.57 -6.74 -19.58
C MET D 127 9.00 -8.18 -19.82
N PHE D 128 8.23 -8.92 -20.63
CA PHE D 128 8.52 -10.32 -20.90
C PHE D 128 9.81 -10.42 -21.73
N ILE D 129 9.89 -9.62 -22.80
CA ILE D 129 11.05 -9.61 -23.70
C ILE D 129 12.30 -9.27 -22.88
N THR D 130 12.26 -8.15 -22.15
CA THR D 130 13.38 -7.70 -21.34
C THR D 130 13.81 -8.82 -20.39
N ALA D 131 12.82 -9.48 -19.75
CA ALA D 131 13.08 -10.56 -18.82
C ALA D 131 13.82 -11.71 -19.52
N PHE D 132 13.30 -12.11 -20.70
CA PHE D 132 13.83 -13.27 -21.40
C PHE D 132 15.28 -13.02 -21.84
N LEU D 133 15.52 -11.89 -22.52
CA LEU D 133 16.81 -11.61 -23.15
C LEU D 133 17.93 -11.64 -22.10
N ASN D 134 17.64 -11.16 -20.88
CA ASN D 134 18.61 -11.13 -19.80
C ASN D 134 18.79 -12.53 -19.21
N ILE D 135 17.70 -13.30 -19.16
CA ILE D 135 17.69 -14.62 -18.55
C ILE D 135 18.41 -15.62 -19.48
N ALA D 136 18.13 -15.52 -20.79
CA ALA D 136 18.53 -16.54 -21.76
C ALA D 136 20.06 -16.64 -21.87
N LEU D 137 20.75 -15.50 -21.74
CA LEU D 137 22.20 -15.44 -21.95
C LEU D 137 22.95 -16.12 -20.81
N GLN D 138 22.29 -16.28 -19.65
CA GLN D 138 22.95 -16.78 -18.44
C GLN D 138 22.63 -18.27 -18.24
N LEU D 139 21.49 -18.74 -18.79
CA LEU D 139 21.00 -20.09 -18.51
C LEU D 139 21.66 -21.10 -19.43
N PRO D 140 21.94 -22.34 -18.93
CA PRO D 140 22.38 -23.44 -19.79
C PRO D 140 21.27 -23.86 -20.73
N CYS D 141 21.64 -24.22 -21.98
CA CYS D 141 20.67 -24.61 -22.99
C CYS D 141 20.40 -26.12 -22.96
N GLU D 142 21.18 -26.85 -22.15
CA GLU D 142 20.98 -28.28 -21.95
C GLU D 142 20.90 -28.59 -20.44
N SER D 143 20.09 -29.60 -20.08
CA SER D 143 19.88 -29.96 -18.69
C SER D 143 20.43 -31.37 -18.41
N SER D 144 20.20 -32.30 -19.35
CA SER D 144 20.60 -33.68 -19.20
C SER D 144 21.97 -33.79 -18.51
N ALA D 145 22.03 -34.60 -17.46
CA ALA D 145 23.20 -34.71 -16.61
C ALA D 145 24.39 -35.26 -17.41
N VAL D 146 24.11 -36.22 -18.31
CA VAL D 146 25.16 -36.91 -19.05
C VAL D 146 25.71 -35.97 -20.13
N VAL D 147 24.83 -35.17 -20.74
CA VAL D 147 25.21 -34.23 -21.79
C VAL D 147 26.12 -33.16 -21.18
N VAL D 148 25.67 -32.56 -20.07
CA VAL D 148 26.40 -31.46 -19.43
C VAL D 148 27.77 -31.97 -18.97
N SER D 149 27.80 -33.16 -18.35
CA SER D 149 29.04 -33.72 -17.83
C SER D 149 30.05 -33.91 -18.97
N GLY D 150 29.57 -34.44 -20.11
CA GLY D 150 30.41 -34.67 -21.26
C GLY D 150 30.92 -33.37 -21.89
N LEU D 151 30.01 -32.39 -22.07
CA LEU D 151 30.35 -31.15 -22.74
C LEU D 151 31.27 -30.30 -21.86
N ARG D 152 31.17 -30.47 -20.53
CA ARG D 152 32.02 -29.74 -19.59
C ARG D 152 33.49 -30.14 -19.82
N THR D 153 33.71 -31.40 -20.24
CA THR D 153 35.06 -31.92 -20.48
C THR D 153 35.70 -31.22 -21.69
N LEU D 154 34.86 -30.69 -22.59
CA LEU D 154 35.34 -30.13 -23.85
C LEU D 154 35.61 -28.63 -23.71
N VAL D 155 34.98 -27.97 -22.73
CA VAL D 155 35.01 -26.52 -22.62
C VAL D 155 36.45 -26.05 -22.46
N PRO D 156 36.94 -25.10 -23.30
CA PRO D 156 38.27 -24.52 -23.12
C PRO D 156 38.27 -23.45 -22.02
#